data_8TUK
#
_entry.id   8TUK
#
_cell.length_a   35.880
_cell.length_b   51.599
_cell.length_c   81.927
_cell.angle_alpha   90.000
_cell.angle_beta   91.440
_cell.angle_gamma   90.000
#
_symmetry.space_group_name_H-M   'P 1 21 1'
#
loop_
_entity.id
_entity.type
_entity.pdbx_description
1 polymer 'Activating signal cointegrator 1 complex subunit 1'
2 non-polymer IMIDAZOLE
3 non-polymer 1,2-ETHANEDIOL
4 water water
#
_entity_poly.entity_id   1
_entity_poly.type   'polypeptide(L)'
_entity_poly.pdbx_seq_one_letter_code
;SNAMRVYCDDICDTLGEQIQETENGYKLELEIPSAYYKYIIGKKGETKKRLENETRTLIKIPGHGREGSVVISGHDRQGI
LSAKTRLDLLIESARRRQPFTHFISIPVNSQPIQDKFIEFKDDVVRFCSGDRGVDDTIFQNPHKLHLTIGTMPLLDKSEI
DKAKAVLQQCKEELIAYDYIGHGGITCQLRGLEYMNDDPGEVDVLYAKIQLQDNSDRLQCLADQLVNGFCESGLMNREHD
RVKLHVTVMNTLMRKDPTGAGVTVSSGNKKPIKDRESFDANNILKLYGDYDFGPYQINTIHLSQRYSTSQDGYYACEDKI
DF
;
_entity_poly.pdbx_strand_id   A
#
# COMPACT_ATOMS: atom_id res chain seq x y z
N GLU A 17 9.87 -4.33 -25.16
CA GLU A 17 8.81 -4.17 -26.16
C GLU A 17 9.23 -3.15 -27.23
N GLN A 18 9.28 -3.59 -28.47
CA GLN A 18 9.75 -2.76 -29.57
C GLN A 18 8.83 -2.95 -30.77
N ILE A 19 8.58 -1.85 -31.48
CA ILE A 19 7.74 -1.91 -32.66
C ILE A 19 8.43 -2.76 -33.71
N GLN A 20 7.65 -3.60 -34.39
CA GLN A 20 8.16 -4.39 -35.50
C GLN A 20 7.44 -4.02 -36.78
N GLU A 21 8.15 -4.22 -37.89
CA GLU A 21 7.51 -4.05 -39.19
C GLU A 21 6.59 -5.22 -39.47
N THR A 22 5.46 -4.92 -40.07
CA THR A 22 4.65 -5.90 -40.74
C THR A 22 4.81 -5.67 -42.23
N GLU A 23 4.14 -6.48 -43.03
CA GLU A 23 4.29 -6.33 -44.46
C GLU A 23 3.90 -4.93 -44.93
N ASN A 24 2.77 -4.43 -44.46
CA ASN A 24 2.22 -3.16 -44.93
C ASN A 24 2.29 -2.04 -43.90
N GLY A 25 2.79 -2.29 -42.69
CA GLY A 25 2.84 -1.27 -41.67
C GLY A 25 3.71 -1.71 -40.53
N TYR A 26 3.22 -1.52 -39.30
CA TYR A 26 3.98 -1.80 -38.10
C TYR A 26 3.02 -2.34 -37.04
N LYS A 27 3.57 -2.98 -36.01
CA LYS A 27 2.76 -3.43 -34.88
C LYS A 27 3.61 -3.45 -33.63
N LEU A 28 2.93 -3.45 -32.49
CA LEU A 28 3.55 -3.48 -31.18
C LEU A 28 2.73 -4.43 -30.33
N GLU A 29 3.35 -5.46 -29.80
CA GLU A 29 2.67 -6.45 -28.97
C GLU A 29 2.93 -6.09 -27.51
N LEU A 30 1.86 -6.02 -26.71
CA LEU A 30 1.96 -5.61 -25.32
C LEU A 30 1.30 -6.65 -24.41
N GLU A 31 1.93 -6.89 -23.26
CA GLU A 31 1.35 -7.73 -22.23
C GLU A 31 0.65 -6.82 -21.22
N ILE A 32 -0.67 -6.87 -21.19
CA ILE A 32 -1.48 -6.03 -20.32
C ILE A 32 -2.41 -6.92 -19.51
N PRO A 33 -2.46 -6.78 -18.17
CA PRO A 33 -3.38 -7.62 -17.40
C PRO A 33 -4.81 -7.48 -17.88
N SER A 34 -5.50 -8.62 -17.97
CA SER A 34 -6.85 -8.60 -18.52
C SER A 34 -7.81 -7.79 -17.67
N ALA A 35 -7.47 -7.54 -16.40
CA ALA A 35 -8.33 -6.70 -15.56
C ALA A 35 -8.52 -5.31 -16.16
N TYR A 36 -7.61 -4.86 -17.01
CA TYR A 36 -7.71 -3.53 -17.59
C TYR A 36 -8.42 -3.50 -18.92
N TYR A 37 -8.72 -4.66 -19.52
CA TYR A 37 -9.32 -4.67 -20.86
C TYR A 37 -10.61 -3.85 -20.89
N LYS A 38 -11.44 -3.98 -19.86
CA LYS A 38 -12.71 -3.27 -19.85
C LYS A 38 -12.52 -1.76 -19.90
N TYR A 39 -11.43 -1.25 -19.32
CA TYR A 39 -11.16 0.19 -19.38
C TYR A 39 -10.63 0.61 -20.74
N ILE A 40 -9.85 -0.25 -21.40
CA ILE A 40 -9.38 0.08 -22.74
C ILE A 40 -10.54 0.12 -23.71
N ILE A 41 -11.46 -0.84 -23.58
CA ILE A 41 -12.61 -0.93 -24.48
C ILE A 41 -13.59 0.20 -24.18
N GLY A 42 -13.95 0.39 -22.91
CA GLY A 42 -14.93 1.39 -22.55
C GLY A 42 -16.34 0.92 -22.85
N LYS A 43 -17.31 1.79 -22.56
CA LYS A 43 -18.70 1.42 -22.76
C LYS A 43 -19.01 1.27 -24.24
N LYS A 44 -19.53 0.10 -24.61
CA LYS A 44 -19.75 -0.29 -26.01
C LYS A 44 -18.59 0.13 -26.91
N GLY A 45 -17.37 -0.09 -26.44
CA GLY A 45 -16.18 0.10 -27.27
C GLY A 45 -15.79 1.54 -27.51
N GLU A 46 -16.43 2.49 -26.84
CA GLU A 46 -16.21 3.91 -27.15
C GLU A 46 -14.77 4.32 -26.89
N THR A 47 -14.17 3.84 -25.81
CA THR A 47 -12.82 4.28 -25.47
C THR A 47 -11.82 3.79 -26.49
N LYS A 48 -11.90 2.51 -26.87
CA LYS A 48 -10.93 1.97 -27.80
C LYS A 48 -11.09 2.60 -29.18
N LYS A 49 -12.33 2.79 -29.62
CA LYS A 49 -12.55 3.42 -30.91
C LYS A 49 -11.95 4.82 -30.94
N ARG A 50 -12.10 5.57 -29.84
CA ARG A 50 -11.54 6.92 -29.78
C ARG A 50 -10.03 6.88 -29.87
N LEU A 51 -9.38 6.00 -29.09
N LEU A 51 -9.39 5.98 -29.11
CA LEU A 51 -7.93 5.91 -29.16
CA LEU A 51 -7.93 5.90 -29.16
C LEU A 51 -7.48 5.55 -30.58
C LEU A 51 -7.45 5.51 -30.55
N GLU A 52 -8.18 4.59 -31.20
CA GLU A 52 -7.82 4.20 -32.57
C GLU A 52 -7.90 5.39 -33.52
N ASN A 53 -8.95 6.20 -33.39
CA ASN A 53 -9.11 7.32 -34.31
CA ASN A 53 -9.13 7.33 -34.30
C ASN A 53 -8.08 8.40 -34.07
N GLU A 54 -7.76 8.69 -32.80
CA GLU A 54 -6.80 9.74 -32.50
C GLU A 54 -5.42 9.42 -33.04
N THR A 55 -5.09 8.13 -33.14
CA THR A 55 -3.74 7.69 -33.43
C THR A 55 -3.63 6.98 -34.78
N ARG A 56 -4.73 6.74 -35.47
CA ARG A 56 -4.72 6.00 -36.72
C ARG A 56 -4.11 4.61 -36.51
N THR A 57 -4.56 3.94 -35.46
CA THR A 57 -4.14 2.58 -35.17
C THR A 57 -5.36 1.69 -35.04
N LEU A 58 -5.10 0.39 -34.99
CA LEU A 58 -6.05 -0.60 -34.52
C LEU A 58 -5.47 -1.24 -33.28
N ILE A 59 -6.32 -1.46 -32.29
CA ILE A 59 -5.91 -2.03 -31.01
C ILE A 59 -6.70 -3.30 -30.84
N LYS A 60 -6.01 -4.44 -30.88
CA LYS A 60 -6.62 -5.76 -30.81
C LYS A 60 -6.45 -6.28 -29.39
N ILE A 61 -7.56 -6.62 -28.77
CA ILE A 61 -7.58 -7.15 -27.40
C ILE A 61 -7.95 -8.62 -27.48
N PRO A 62 -7.20 -9.52 -26.84
CA PRO A 62 -7.56 -10.93 -26.88
C PRO A 62 -8.99 -11.14 -26.41
N GLY A 63 -9.72 -12.00 -27.11
CA GLY A 63 -11.06 -12.34 -26.69
C GLY A 63 -11.07 -12.95 -25.31
N HIS A 64 -12.26 -12.94 -24.69
CA HIS A 64 -12.42 -13.58 -23.39
C HIS A 64 -11.85 -14.98 -23.42
N GLY A 65 -11.27 -15.41 -22.30
CA GLY A 65 -10.67 -16.73 -22.22
C GLY A 65 -9.42 -16.83 -23.09
N ARG A 66 -9.55 -16.52 -24.38
CA ARG A 66 -8.38 -16.39 -25.23
C ARG A 66 -7.35 -15.52 -24.52
N GLU A 67 -6.15 -16.07 -24.33
CA GLU A 67 -5.08 -15.38 -23.62
C GLU A 67 -4.00 -14.99 -24.61
N GLY A 68 -3.39 -13.82 -24.37
CA GLY A 68 -2.31 -13.36 -25.22
C GLY A 68 -1.94 -11.90 -25.03
N SER A 69 -1.59 -11.24 -26.12
CA SER A 69 -1.09 -9.87 -26.09
C SER A 69 -2.10 -8.91 -26.69
N VAL A 70 -2.12 -7.69 -26.15
CA VAL A 70 -2.75 -6.57 -26.84
C VAL A 70 -1.83 -6.15 -27.96
N VAL A 71 -2.39 -5.91 -29.15
CA VAL A 71 -1.60 -5.58 -30.32
C VAL A 71 -2.06 -4.24 -30.86
N ILE A 72 -1.14 -3.30 -30.95
CA ILE A 72 -1.37 -2.03 -31.61
C ILE A 72 -0.76 -2.12 -33.00
N SER A 73 -1.56 -1.90 -34.03
CA SER A 73 -1.09 -1.92 -35.41
CA SER A 73 -1.05 -1.90 -35.39
C SER A 73 -1.37 -0.56 -36.06
N GLY A 74 -0.53 -0.21 -37.02
CA GLY A 74 -0.71 1.07 -37.70
C GLY A 74 0.35 1.23 -38.77
N HIS A 75 0.21 2.31 -39.53
CA HIS A 75 1.08 2.52 -40.68
C HIS A 75 2.37 3.23 -40.33
N ASP A 76 2.48 3.84 -39.15
CA ASP A 76 3.67 4.61 -38.78
C ASP A 76 4.03 4.35 -37.32
N ARG A 77 5.32 4.48 -37.02
CA ARG A 77 5.79 4.27 -35.65
C ARG A 77 5.20 5.32 -34.71
N GLN A 78 5.11 6.57 -35.17
CA GLN A 78 4.70 7.63 -34.25
C GLN A 78 3.29 7.41 -33.72
N GLY A 79 2.36 6.96 -34.58
CA GLY A 79 1.01 6.73 -34.12
C GLY A 79 0.92 5.59 -33.13
N ILE A 80 1.70 4.53 -33.38
CA ILE A 80 1.74 3.42 -32.44
C ILE A 80 2.30 3.88 -31.11
N LEU A 81 3.37 4.67 -31.13
CA LEU A 81 3.94 5.19 -29.89
C LEU A 81 2.95 6.08 -29.16
N SER A 82 2.21 6.89 -29.91
CA SER A 82 1.18 7.73 -29.29
CA SER A 82 1.18 7.73 -29.29
C SER A 82 0.10 6.88 -28.65
N ALA A 83 -0.34 5.82 -29.33
CA ALA A 83 -1.35 4.93 -28.76
C ALA A 83 -0.82 4.26 -27.50
N LYS A 84 0.43 3.83 -27.52
CA LYS A 84 1.03 3.21 -26.33
C LYS A 84 1.02 4.19 -25.15
N THR A 85 1.42 5.44 -25.39
CA THR A 85 1.42 6.43 -24.32
CA THR A 85 1.43 6.41 -24.30
C THR A 85 0.03 6.62 -23.75
N ARG A 86 -0.98 6.67 -24.62
CA ARG A 86 -2.34 6.89 -24.16
C ARG A 86 -2.87 5.67 -23.41
N LEU A 87 -2.50 4.46 -23.85
CA LEU A 87 -2.88 3.27 -23.11
C LEU A 87 -2.21 3.24 -21.75
N ASP A 88 -0.94 3.62 -21.69
CA ASP A 88 -0.26 3.69 -20.41
C ASP A 88 -1.00 4.60 -19.45
N LEU A 89 -1.43 5.77 -19.92
CA LEU A 89 -2.11 6.72 -19.03
C LEU A 89 -3.47 6.18 -18.62
N LEU A 90 -4.17 5.53 -19.55
CA LEU A 90 -5.47 4.95 -19.21
CA LEU A 90 -5.47 4.95 -19.21
C LEU A 90 -5.32 3.87 -18.15
N ILE A 91 -4.31 3.01 -18.28
CA ILE A 91 -4.09 1.96 -17.31
C ILE A 91 -3.70 2.55 -15.96
N GLU A 92 -2.82 3.55 -15.96
CA GLU A 92 -2.44 4.23 -14.72
C GLU A 92 -3.68 4.77 -14.00
N SER A 93 -4.55 5.44 -14.73
CA SER A 93 -5.77 5.96 -14.14
CA SER A 93 -5.77 5.96 -14.15
C SER A 93 -6.64 4.84 -13.57
N ALA A 94 -6.80 3.75 -14.34
CA ALA A 94 -7.61 2.64 -13.87
C ALA A 94 -7.00 1.99 -12.64
N ARG A 95 -5.68 1.90 -12.60
CA ARG A 95 -4.99 1.30 -11.46
CA ARG A 95 -5.01 1.28 -11.46
C ARG A 95 -5.33 2.03 -10.17
N ARG A 96 -5.37 3.36 -10.22
CA ARG A 96 -5.62 4.12 -9.01
C ARG A 96 -6.98 3.80 -8.41
N ARG A 97 -7.88 3.24 -9.21
CA ARG A 97 -9.24 2.95 -8.81
C ARG A 97 -9.47 1.50 -8.42
N GLN A 98 -8.46 0.65 -8.53
CA GLN A 98 -8.64 -0.76 -8.26
C GLN A 98 -8.46 -1.03 -6.77
N PRO A 99 -9.26 -1.92 -6.19
CA PRO A 99 -9.03 -2.31 -4.79
C PRO A 99 -7.63 -2.86 -4.60
N PHE A 100 -7.00 -2.49 -3.49
CA PHE A 100 -5.66 -3.03 -3.25
C PHE A 100 -5.75 -4.52 -2.91
N THR A 101 -4.70 -5.23 -3.29
CA THR A 101 -4.55 -6.65 -3.03
C THR A 101 -3.40 -6.96 -2.11
N HIS A 102 -2.41 -6.08 -2.03
CA HIS A 102 -1.19 -6.31 -1.29
C HIS A 102 -0.76 -4.99 -0.67
N PHE A 103 0.13 -5.08 0.31
CA PHE A 103 0.70 -3.88 0.90
C PHE A 103 2.09 -4.20 1.42
N ILE A 104 2.97 -3.21 1.33
CA ILE A 104 4.29 -3.33 1.94
C ILE A 104 4.15 -2.99 3.41
N SER A 105 4.55 -3.92 4.27
CA SER A 105 4.38 -3.75 5.70
C SER A 105 5.69 -4.03 6.41
N ILE A 106 5.85 -3.37 7.54
CA ILE A 106 6.88 -3.71 8.51
C ILE A 106 6.15 -4.19 9.77
N PRO A 107 6.24 -5.47 10.10
CA PRO A 107 5.61 -5.91 11.34
C PRO A 107 6.24 -5.18 12.53
N VAL A 108 5.41 -4.88 13.52
CA VAL A 108 5.87 -4.31 14.77
C VAL A 108 5.10 -5.07 15.87
N ASN A 109 5.46 -6.34 16.05
CA ASN A 109 4.56 -7.27 16.72
C ASN A 109 5.33 -8.34 17.50
N SER A 110 6.49 -7.99 18.06
CA SER A 110 7.13 -8.92 18.97
C SER A 110 6.23 -9.16 20.18
N GLN A 111 6.55 -10.22 20.92
CA GLN A 111 5.74 -10.48 22.11
C GLN A 111 5.78 -9.34 23.11
N PRO A 112 6.92 -8.70 23.38
CA PRO A 112 6.88 -7.56 24.30
C PRO A 112 5.98 -6.45 23.80
N ILE A 113 6.01 -6.13 22.51
CA ILE A 113 5.11 -5.12 21.97
C ILE A 113 3.67 -5.55 22.19
N GLN A 114 3.35 -6.80 21.83
CA GLN A 114 1.97 -7.27 21.96
C GLN A 114 1.49 -7.21 23.41
N ASP A 115 2.36 -7.62 24.35
CA ASP A 115 1.97 -7.56 25.75
C ASP A 115 1.69 -6.12 26.19
N LYS A 116 2.53 -5.18 25.78
N LYS A 116 2.52 -5.18 25.75
CA LYS A 116 2.27 -3.79 26.13
CA LYS A 116 2.29 -3.78 26.10
C LYS A 116 0.97 -3.31 25.50
C LYS A 116 1.03 -3.24 25.45
N PHE A 117 0.72 -3.72 24.25
CA PHE A 117 -0.52 -3.33 23.58
C PHE A 117 -1.73 -3.88 24.31
N ILE A 118 -1.68 -5.15 24.74
CA ILE A 118 -2.81 -5.73 25.46
C ILE A 118 -3.05 -4.98 26.77
N GLU A 119 -1.97 -4.59 27.45
CA GLU A 119 -2.11 -3.80 28.68
C GLU A 119 -2.74 -2.45 28.38
N PHE A 120 -2.32 -1.80 27.29
CA PHE A 120 -2.90 -0.53 26.87
C PHE A 120 -4.40 -0.69 26.60
N LYS A 121 -4.79 -1.69 25.82
CA LYS A 121 -6.19 -1.93 25.54
C LYS A 121 -6.97 -2.14 26.83
N ASP A 122 -6.43 -2.98 27.71
CA ASP A 122 -7.16 -3.26 28.94
CA ASP A 122 -7.12 -3.27 28.97
C ASP A 122 -7.33 -1.99 29.77
N ASP A 123 -6.30 -1.14 29.80
CA ASP A 123 -6.42 0.12 30.53
C ASP A 123 -7.48 1.02 29.92
N VAL A 124 -7.47 1.16 28.61
CA VAL A 124 -8.47 2.01 27.98
C VAL A 124 -9.87 1.49 28.25
N VAL A 125 -10.07 0.18 28.11
CA VAL A 125 -11.39 -0.37 28.36
C VAL A 125 -11.78 -0.26 29.84
N ARG A 126 -10.82 -0.42 30.74
CA ARG A 126 -11.13 -0.38 32.17
C ARG A 126 -11.44 1.05 32.62
N PHE A 127 -10.72 2.05 32.10
CA PHE A 127 -10.76 3.40 32.66
C PHE A 127 -11.46 4.42 31.76
N CYS A 128 -11.70 4.09 30.51
CA CYS A 128 -12.33 5.01 29.58
C CYS A 128 -13.61 4.44 28.97
N SER A 129 -14.17 3.40 29.60
N SER A 129 -14.16 3.37 29.55
CA SER A 129 -15.40 2.76 29.11
CA SER A 129 -15.34 2.77 28.95
C SER A 129 -16.55 3.74 29.04
C SER A 129 -16.59 3.62 29.12
N GLY A 130 -16.59 4.67 29.96
CA GLY A 130 -17.69 5.59 30.01
C GLY A 130 -17.63 6.66 28.96
N ASP A 131 -16.52 6.77 28.23
CA ASP A 131 -16.38 7.79 27.21
C ASP A 131 -17.12 7.38 25.95
N ARG A 132 -17.73 8.38 25.30
CA ARG A 132 -18.59 8.11 24.16
C ARG A 132 -17.86 7.27 23.11
N GLY A 133 -18.49 6.17 22.69
CA GLY A 133 -17.97 5.41 21.56
C GLY A 133 -16.87 4.43 21.88
N VAL A 134 -16.40 4.38 23.11
CA VAL A 134 -15.34 3.45 23.49
C VAL A 134 -15.96 2.11 23.83
N ASP A 135 -15.42 1.04 23.24
CA ASP A 135 -15.74 -0.33 23.62
C ASP A 135 -14.53 -1.19 23.28
N ASP A 136 -14.61 -2.45 23.65
CA ASP A 136 -13.48 -3.36 23.51
C ASP A 136 -13.37 -4.00 22.13
N THR A 137 -14.14 -3.53 21.15
CA THR A 137 -14.13 -4.14 19.82
C THR A 137 -13.50 -3.26 18.75
N ILE A 138 -12.93 -2.12 19.13
CA ILE A 138 -12.36 -1.19 18.16
C ILE A 138 -10.82 -1.19 18.19
N PHE A 139 -10.20 -2.23 18.70
CA PHE A 139 -8.74 -2.31 18.78
C PHE A 139 -8.14 -3.23 17.73
N GLN A 140 -6.94 -2.88 17.28
CA GLN A 140 -6.20 -3.75 16.40
C GLN A 140 -5.96 -5.11 17.07
N ASN A 141 -5.86 -6.15 16.23
CA ASN A 141 -5.39 -7.47 16.67
C ASN A 141 -3.89 -7.36 16.97
N PRO A 142 -3.44 -7.68 18.19
CA PRO A 142 -2.01 -7.50 18.51
C PRO A 142 -1.08 -8.25 17.59
N HIS A 143 -1.51 -9.40 17.07
CA HIS A 143 -0.66 -10.17 16.17
C HIS A 143 -0.39 -9.43 14.87
N LYS A 144 -1.23 -8.45 14.54
CA LYS A 144 -1.15 -7.75 13.27
C LYS A 144 -0.64 -6.33 13.37
N LEU A 145 -0.14 -5.92 14.51
CA LEU A 145 0.43 -4.58 14.62
C LEU A 145 1.54 -4.40 13.59
N HIS A 146 1.48 -3.28 12.85
CA HIS A 146 2.42 -3.08 11.76
C HIS A 146 2.45 -1.63 11.33
N LEU A 147 3.53 -1.29 10.63
CA LEU A 147 3.64 -0.07 9.85
C LEU A 147 3.34 -0.39 8.39
N THR A 148 2.45 0.38 7.79
CA THR A 148 2.20 0.24 6.37
CA THR A 148 2.16 0.26 6.37
C THR A 148 3.01 1.26 5.59
N ILE A 149 3.75 0.78 4.60
CA ILE A 149 4.51 1.63 3.72
C ILE A 149 3.66 2.08 2.54
N GLY A 150 2.91 1.18 1.94
CA GLY A 150 1.98 1.56 0.89
C GLY A 150 1.22 0.34 0.40
N THR A 151 0.10 0.60 -0.29
CA THR A 151 -0.72 -0.48 -0.83
C THR A 151 -0.59 -0.52 -2.34
N MET A 152 -1.00 -1.65 -2.94
CA MET A 152 -0.91 -1.82 -4.40
CA MET A 152 -1.00 -1.72 -4.38
C MET A 152 -1.99 -2.78 -4.84
N PRO A 153 -2.58 -2.57 -6.01
CA PRO A 153 -3.37 -3.61 -6.67
C PRO A 153 -2.46 -4.39 -7.60
N LEU A 154 -2.28 -5.69 -7.34
CA LEU A 154 -1.45 -6.55 -8.17
C LEU A 154 -2.41 -7.53 -8.81
N LEU A 155 -2.73 -7.32 -10.09
CA LEU A 155 -3.94 -7.88 -10.68
C LEU A 155 -3.70 -9.12 -11.52
N ASP A 156 -2.45 -9.55 -11.63
CA ASP A 156 -2.15 -10.85 -12.19
C ASP A 156 -0.77 -11.29 -11.74
N LYS A 157 -0.40 -12.49 -12.15
CA LYS A 157 0.89 -13.04 -11.74
C LYS A 157 2.04 -12.11 -12.13
N SER A 158 1.99 -11.55 -13.34
CA SER A 158 3.10 -10.70 -13.78
C SER A 158 3.29 -9.53 -12.83
N GLU A 159 2.19 -8.97 -12.31
CA GLU A 159 2.31 -7.83 -11.41
C GLU A 159 2.84 -8.28 -10.05
N ILE A 160 2.40 -9.43 -9.57
CA ILE A 160 2.94 -9.96 -8.32
C ILE A 160 4.43 -10.21 -8.46
N ASP A 161 4.84 -10.81 -9.58
CA ASP A 161 6.25 -11.09 -9.79
C ASP A 161 7.06 -9.81 -9.85
N LYS A 162 6.53 -8.79 -10.52
CA LYS A 162 7.23 -7.51 -10.59
C LYS A 162 7.41 -6.92 -9.20
N ALA A 163 6.35 -6.97 -8.38
CA ALA A 163 6.43 -6.42 -7.04
C ALA A 163 7.48 -7.15 -6.19
N LYS A 164 7.53 -8.49 -6.32
CA LYS A 164 8.54 -9.24 -5.59
C LYS A 164 9.94 -8.83 -6.03
N ALA A 165 10.13 -8.62 -7.33
CA ALA A 165 11.45 -8.23 -7.82
C ALA A 165 11.81 -6.84 -7.32
N VAL A 166 10.85 -5.92 -7.28
CA VAL A 166 11.12 -4.60 -6.74
C VAL A 166 11.52 -4.70 -5.27
N LEU A 167 10.80 -5.51 -4.49
CA LEU A 167 11.14 -5.65 -3.08
C LEU A 167 12.57 -6.15 -2.91
N GLN A 168 12.97 -7.14 -3.70
CA GLN A 168 14.31 -7.69 -3.56
C GLN A 168 15.37 -6.67 -3.98
N GLN A 169 15.09 -5.88 -5.02
CA GLN A 169 15.99 -4.80 -5.41
C GLN A 169 16.09 -3.74 -4.31
N CYS A 170 14.97 -3.44 -3.65
CA CYS A 170 14.99 -2.44 -2.59
C CYS A 170 15.91 -2.88 -1.45
N LYS A 171 15.97 -4.18 -1.16
CA LYS A 171 16.86 -4.64 -0.11
C LYS A 171 18.28 -4.17 -0.40
N GLU A 172 18.73 -4.36 -1.63
CA GLU A 172 20.10 -4.00 -1.97
C GLU A 172 20.31 -2.49 -1.85
N GLU A 173 19.31 -1.71 -2.29
CA GLU A 173 19.45 -0.27 -2.27
C GLU A 173 19.45 0.26 -0.84
N LEU A 174 18.57 -0.27 -0.01
CA LEU A 174 18.50 0.20 1.37
C LEU A 174 19.81 -0.03 2.10
N ILE A 175 20.43 -1.18 1.86
CA ILE A 175 21.73 -1.48 2.47
C ILE A 175 22.80 -0.56 1.91
N ALA A 176 22.78 -0.31 0.59
CA ALA A 176 23.79 0.56 -0.02
C ALA A 176 23.69 1.99 0.51
N TYR A 177 22.49 2.47 0.80
CA TYR A 177 22.29 3.79 1.37
C TYR A 177 22.48 3.83 2.89
N ASP A 178 22.75 2.69 3.52
CA ASP A 178 22.87 2.59 4.98
C ASP A 178 21.60 3.01 5.69
N TYR A 179 20.44 2.81 5.05
CA TYR A 179 19.18 3.02 5.75
C TYR A 179 18.82 1.84 6.63
N ILE A 180 19.53 0.73 6.48
CA ILE A 180 19.40 -0.44 7.35
C ILE A 180 20.64 -1.27 7.10
N GLY A 181 20.98 -2.14 8.05
CA GLY A 181 22.12 -3.01 7.90
C GLY A 181 21.89 -4.33 8.60
N HIS A 182 22.97 -5.05 8.83
CA HIS A 182 22.90 -6.37 9.45
CA HIS A 182 22.88 -6.37 9.44
C HIS A 182 22.20 -6.27 10.79
N GLY A 183 21.18 -7.10 11.00
CA GLY A 183 20.43 -7.10 12.23
C GLY A 183 19.31 -6.10 12.28
N GLY A 184 19.17 -5.23 11.27
CA GLY A 184 18.04 -4.33 11.22
C GLY A 184 18.20 -2.99 11.92
N ILE A 185 17.09 -2.42 12.37
CA ILE A 185 17.03 -1.09 12.99
C ILE A 185 16.21 -1.25 14.26
N THR A 186 16.67 -0.65 15.34
CA THR A 186 15.87 -0.62 16.56
C THR A 186 14.95 0.59 16.55
N CYS A 187 13.68 0.37 16.86
CA CYS A 187 12.75 1.48 17.02
C CYS A 187 12.06 1.37 18.37
N GLN A 188 11.32 2.43 18.71
N GLN A 188 11.34 2.43 18.69
CA GLN A 188 10.48 2.50 19.90
CA GLN A 188 10.47 2.52 19.85
C GLN A 188 9.07 2.86 19.47
C GLN A 188 9.06 2.77 19.35
N LEU A 189 8.08 2.14 19.99
CA LEU A 189 6.67 2.42 19.72
C LEU A 189 6.14 3.13 20.95
N ARG A 190 5.82 4.42 20.80
N ARG A 190 5.93 4.43 20.84
CA ARG A 190 5.59 5.25 21.98
CA ARG A 190 5.58 5.25 22.00
C ARG A 190 4.81 6.49 21.60
C ARG A 190 4.78 6.45 21.57
N GLY A 191 3.70 6.71 22.29
CA GLY A 191 2.89 7.90 22.10
C GLY A 191 1.78 7.68 21.12
N LEU A 192 0.67 8.37 21.38
CA LEU A 192 -0.55 8.23 20.59
C LEU A 192 -0.76 9.47 19.74
N GLU A 193 -1.42 9.27 18.59
CA GLU A 193 -1.76 10.42 17.77
C GLU A 193 -3.03 10.14 16.98
N TYR A 194 -3.71 11.22 16.65
CA TYR A 194 -4.88 11.20 15.79
C TYR A 194 -4.65 12.22 14.70
N MET A 195 -5.26 11.98 13.54
CA MET A 195 -5.01 12.79 12.34
CA MET A 195 -4.98 12.83 12.38
C MET A 195 -6.10 13.79 12.04
N ASN A 196 -7.32 13.55 12.53
CA ASN A 196 -8.46 14.42 12.31
C ASN A 196 -8.39 15.61 13.25
N ASP A 197 -9.35 16.52 13.14
CA ASP A 197 -9.25 17.79 13.81
C ASP A 197 -9.69 17.74 15.28
N ASP A 198 -10.69 16.92 15.59
CA ASP A 198 -11.38 17.00 16.86
C ASP A 198 -11.11 15.76 17.69
N PRO A 199 -10.38 15.85 18.81
CA PRO A 199 -10.12 14.66 19.62
C PRO A 199 -11.36 14.05 20.23
N GLY A 200 -12.49 14.76 20.23
CA GLY A 200 -13.73 14.20 20.70
C GLY A 200 -14.48 13.39 19.68
N GLU A 201 -13.97 13.32 18.45
N GLU A 201 -13.98 13.34 18.44
CA GLU A 201 -14.61 12.59 17.37
CA GLU A 201 -14.63 12.61 17.35
C GLU A 201 -13.56 11.87 16.53
C GLU A 201 -13.52 11.92 16.54
N VAL A 202 -12.86 10.93 17.16
CA VAL A 202 -11.78 10.19 16.53
C VAL A 202 -12.31 8.87 15.99
N ASP A 203 -11.83 8.48 14.81
CA ASP A 203 -12.11 7.15 14.27
C ASP A 203 -10.89 6.25 14.25
N VAL A 204 -9.69 6.81 14.14
CA VAL A 204 -8.47 6.01 14.08
C VAL A 204 -7.45 6.63 15.03
N LEU A 205 -6.87 5.80 15.88
CA LEU A 205 -5.78 6.22 16.73
C LEU A 205 -4.56 5.40 16.37
N TYR A 206 -3.39 6.06 16.38
CA TYR A 206 -2.13 5.45 16.01
C TYR A 206 -1.13 5.59 17.14
N ALA A 207 -0.20 4.66 17.18
CA ALA A 207 0.98 4.76 18.03
C ALA A 207 2.18 5.14 17.17
N LYS A 208 2.99 6.07 17.67
CA LYS A 208 4.09 6.65 16.90
C LYS A 208 5.35 5.79 17.01
N ILE A 209 6.09 5.70 15.90
CA ILE A 209 7.38 5.03 15.87
C ILE A 209 8.48 6.09 15.95
N GLN A 210 9.39 5.92 16.89
CA GLN A 210 10.55 6.78 17.03
C GLN A 210 11.83 5.96 17.00
N LEU A 211 12.93 6.62 16.67
CA LEU A 211 14.25 6.05 16.79
C LEU A 211 15.00 6.82 17.87
N GLN A 212 16.02 6.19 18.41
CA GLN A 212 16.89 6.88 19.32
C GLN A 212 17.42 8.15 18.66
N ASP A 213 17.48 9.21 19.47
CA ASP A 213 17.92 10.54 19.04
C ASP A 213 17.04 11.11 17.96
N ASN A 214 15.84 10.55 17.78
CA ASN A 214 14.94 10.98 16.71
C ASN A 214 15.61 10.92 15.35
N SER A 215 16.43 9.89 15.14
CA SER A 215 17.05 9.68 13.85
C SER A 215 16.00 9.53 12.76
N ASP A 216 16.30 10.09 11.59
CA ASP A 216 15.42 9.96 10.43
C ASP A 216 15.70 8.73 9.57
N ARG A 217 16.51 7.79 10.05
CA ARG A 217 16.92 6.66 9.22
C ARG A 217 15.71 5.87 8.73
N LEU A 218 14.74 5.61 9.62
CA LEU A 218 13.58 4.82 9.23
C LEU A 218 12.68 5.60 8.26
N GLN A 219 12.55 6.91 8.46
CA GLN A 219 11.81 7.71 7.48
C GLN A 219 12.44 7.59 6.10
N CYS A 220 13.77 7.64 6.03
CA CYS A 220 14.44 7.49 4.76
C CYS A 220 14.21 6.12 4.15
N LEU A 221 14.27 5.07 4.98
CA LEU A 221 14.01 3.72 4.51
C LEU A 221 12.61 3.61 3.93
N ALA A 222 11.62 4.10 4.65
CA ALA A 222 10.25 4.01 4.21
C ALA A 222 10.04 4.75 2.90
N ASP A 223 10.56 5.97 2.83
CA ASP A 223 10.37 6.77 1.64
C ASP A 223 11.11 6.18 0.44
N GLN A 224 12.24 5.50 0.67
CA GLN A 224 12.96 4.85 -0.42
C GLN A 224 12.17 3.66 -0.96
N LEU A 225 11.51 2.90 -0.07
CA LEU A 225 10.63 1.84 -0.54
C LEU A 225 9.52 2.39 -1.41
N VAL A 226 8.88 3.47 -0.97
CA VAL A 226 7.84 4.09 -1.77
C VAL A 226 8.39 4.51 -3.13
N ASN A 227 9.57 5.13 -3.14
N ASN A 227 9.59 5.10 -3.14
CA ASN A 227 10.17 5.53 -4.41
CA ASN A 227 10.15 5.54 -4.42
C ASN A 227 10.30 4.34 -5.35
C ASN A 227 10.39 4.37 -5.37
N GLY A 228 10.83 3.23 -4.84
CA GLY A 228 11.05 2.07 -5.70
C GLY A 228 9.76 1.53 -6.28
N PHE A 229 8.73 1.43 -5.45
CA PHE A 229 7.48 0.89 -5.95
C PHE A 229 6.73 1.87 -6.84
N CYS A 230 6.84 3.17 -6.56
CA CYS A 230 6.22 4.14 -7.45
C CYS A 230 6.92 4.19 -8.80
N GLU A 231 8.26 4.06 -8.81
CA GLU A 231 8.98 4.09 -10.08
C GLU A 231 8.63 2.89 -10.95
N SER A 232 8.25 1.77 -10.34
CA SER A 232 7.83 0.58 -11.06
C SER A 232 6.45 0.74 -11.67
N GLY A 233 5.71 1.78 -11.29
CA GLY A 233 4.33 1.94 -11.72
C GLY A 233 3.31 1.20 -10.88
N LEU A 234 3.74 0.33 -9.96
CA LEU A 234 2.78 -0.49 -9.23
C LEU A 234 2.10 0.26 -8.10
N MET A 235 2.78 1.23 -7.51
CA MET A 235 2.25 1.98 -6.39
C MET A 235 1.98 3.40 -6.87
N ASN A 236 0.90 3.99 -6.37
CA ASN A 236 0.54 5.36 -6.69
C ASN A 236 0.95 6.22 -5.49
N ARG A 237 1.60 7.35 -5.76
CA ARG A 237 2.04 8.24 -4.69
C ARG A 237 0.84 9.04 -4.20
N GLU A 238 0.33 8.69 -3.03
CA GLU A 238 -0.80 9.38 -2.42
CA GLU A 238 -0.80 9.38 -2.42
C GLU A 238 -0.38 10.41 -1.38
N HIS A 239 0.60 10.08 -0.55
CA HIS A 239 1.08 10.95 0.51
C HIS A 239 2.48 11.46 0.19
N ASP A 240 2.82 12.61 0.77
CA ASP A 240 4.11 13.20 0.48
C ASP A 240 5.25 12.38 1.10
N ARG A 241 5.01 11.81 2.29
CA ARG A 241 5.95 10.89 2.88
C ARG A 241 5.19 9.89 3.74
N VAL A 242 5.85 8.78 4.06
CA VAL A 242 5.20 7.75 4.85
C VAL A 242 5.04 8.24 6.28
N LYS A 243 3.87 8.02 6.88
CA LYS A 243 3.67 8.34 8.28
C LYS A 243 4.15 7.17 9.13
N LEU A 244 5.14 7.42 9.99
CA LEU A 244 5.73 6.36 10.80
C LEU A 244 4.89 6.14 12.05
N HIS A 245 3.80 5.40 11.87
CA HIS A 245 2.88 5.13 12.95
C HIS A 245 2.16 3.82 12.68
N VAL A 246 1.54 3.28 13.73
CA VAL A 246 0.90 1.97 13.74
C VAL A 246 -0.54 2.14 14.21
N THR A 247 -1.50 1.63 13.45
CA THR A 247 -2.89 1.69 13.90
C THR A 247 -3.06 0.86 15.16
N VAL A 248 -3.65 1.48 16.20
CA VAL A 248 -3.99 0.77 17.42
C VAL A 248 -5.50 0.68 17.66
N MET A 249 -6.28 1.65 17.19
CA MET A 249 -7.72 1.62 17.29
C MET A 249 -8.29 2.10 15.98
N ASN A 250 -9.36 1.46 15.52
CA ASN A 250 -10.08 1.91 14.33
C ASN A 250 -11.52 1.48 14.47
N THR A 251 -12.43 2.46 14.50
CA THR A 251 -13.85 2.14 14.70
C THR A 251 -14.47 1.36 13.55
N LEU A 252 -13.82 1.26 12.39
CA LEU A 252 -14.37 0.40 11.35
C LEU A 252 -14.43 -1.04 11.80
N MET A 253 -13.68 -1.42 12.83
CA MET A 253 -13.68 -2.78 13.34
C MET A 253 -14.79 -3.08 14.32
N ARG A 254 -15.58 -2.08 14.71
CA ARG A 254 -16.55 -2.25 15.79
C ARG A 254 -17.49 -3.40 15.50
N LYS A 255 -17.73 -4.23 16.55
CA LYS A 255 -18.59 -5.42 16.50
C LYS A 255 -19.82 -5.26 17.36
N ASP A 256 -19.73 -4.47 18.40
CA ASP A 256 -20.88 -4.10 19.20
C ASP A 256 -21.68 -3.04 18.47
N PRO A 257 -22.96 -2.89 18.82
CA PRO A 257 -23.89 -1.97 18.15
C PRO A 257 -23.37 -0.53 18.08
N ASP A 274 -20.55 12.09 13.27
CA ASP A 274 -19.88 10.82 13.02
C ASP A 274 -20.29 9.79 14.07
N ARG A 275 -21.36 9.06 13.78
CA ARG A 275 -21.91 8.12 14.75
C ARG A 275 -20.95 6.98 15.05
N GLU A 276 -19.91 6.78 14.24
CA GLU A 276 -18.98 5.68 14.48
C GLU A 276 -17.82 6.06 15.37
N SER A 277 -17.61 7.35 15.63
CA SER A 277 -16.37 7.81 16.25
C SER A 277 -16.43 7.62 17.77
N PHE A 278 -15.29 7.91 18.41
CA PHE A 278 -15.22 7.90 19.86
C PHE A 278 -14.56 9.17 20.36
N ASP A 279 -14.83 9.47 21.64
CA ASP A 279 -14.20 10.59 22.32
C ASP A 279 -12.85 10.09 22.86
N ALA A 280 -11.76 10.57 22.27
CA ALA A 280 -10.43 10.16 22.67
C ALA A 280 -9.79 11.09 23.70
N ASN A 281 -10.51 12.11 24.18
CA ASN A 281 -9.87 13.11 25.04
C ASN A 281 -9.23 12.47 26.26
N ASN A 282 -9.94 11.59 26.96
CA ASN A 282 -9.36 11.03 28.17
C ASN A 282 -8.29 10.01 27.84
N ILE A 283 -8.47 9.23 26.77
CA ILE A 283 -7.42 8.31 26.35
C ILE A 283 -6.11 9.08 26.13
N LEU A 284 -6.21 10.22 25.44
CA LEU A 284 -5.01 11.01 25.14
C LEU A 284 -4.44 11.66 26.40
N LYS A 285 -5.28 12.19 27.28
CA LYS A 285 -4.78 12.86 28.47
C LYS A 285 -4.21 11.88 29.49
N LEU A 286 -4.73 10.65 29.54
CA LEU A 286 -4.27 9.65 30.48
C LEU A 286 -3.14 8.80 29.92
N TYR A 287 -3.18 8.49 28.62
CA TYR A 287 -2.28 7.50 28.01
C TYR A 287 -1.58 8.02 26.76
N GLY A 288 -1.58 9.33 26.51
CA GLY A 288 -1.05 9.86 25.27
C GLY A 288 0.42 9.64 25.07
N ASP A 289 1.18 9.40 26.14
N ASP A 289 1.18 9.38 26.13
CA ASP A 289 2.60 9.10 26.07
CA ASP A 289 2.60 9.07 26.00
C ASP A 289 2.88 7.62 26.34
C ASP A 289 2.88 7.62 26.29
N TYR A 290 1.89 6.75 26.11
CA TYR A 290 2.05 5.35 26.44
C TYR A 290 3.24 4.75 25.70
N ASP A 291 4.11 4.06 26.42
CA ASP A 291 5.31 3.48 25.85
C ASP A 291 5.12 1.98 25.66
N PHE A 292 4.99 1.56 24.40
CA PHE A 292 4.84 0.15 24.08
C PHE A 292 6.18 -0.56 24.01
N GLY A 293 7.28 0.17 24.14
CA GLY A 293 8.60 -0.43 24.21
C GLY A 293 9.31 -0.51 22.88
N PRO A 294 10.50 -1.11 22.90
CA PRO A 294 11.34 -1.18 21.71
C PRO A 294 10.98 -2.40 20.87
N TYR A 295 11.39 -2.33 19.61
CA TYR A 295 11.13 -3.38 18.65
C TYR A 295 12.27 -3.37 17.63
N GLN A 296 12.78 -4.55 17.29
CA GLN A 296 13.84 -4.70 16.30
C GLN A 296 13.25 -4.97 14.91
N ILE A 297 13.34 -3.99 14.02
CA ILE A 297 12.89 -4.12 12.64
C ILE A 297 13.95 -4.92 11.89
N ASN A 298 13.62 -6.14 11.52
CA ASN A 298 14.57 -6.94 10.77
C ASN A 298 13.90 -7.66 9.60
N THR A 299 12.68 -7.29 9.24
CA THR A 299 12.00 -7.87 8.10
C THR A 299 11.01 -6.85 7.56
N ILE A 300 10.86 -6.86 6.23
CA ILE A 300 9.90 -6.04 5.50
C ILE A 300 9.16 -6.98 4.55
N HIS A 301 7.83 -6.94 4.59
CA HIS A 301 7.00 -7.89 3.87
C HIS A 301 6.23 -7.24 2.73
N LEU A 302 6.03 -8.03 1.67
CA LEU A 302 4.94 -7.82 0.72
C LEU A 302 3.78 -8.67 1.22
N SER A 303 2.85 -8.03 1.92
CA SER A 303 1.76 -8.71 2.61
C SER A 303 0.53 -8.81 1.73
N GLN A 304 -0.18 -9.92 1.87
CA GLN A 304 -1.49 -10.10 1.23
C GLN A 304 -2.59 -9.49 2.09
N ARG A 305 -3.55 -8.86 1.43
CA ARG A 305 -4.64 -8.18 2.13
C ARG A 305 -5.48 -9.11 2.99
N TYR A 306 -5.90 -10.24 2.45
CA TYR A 306 -7.03 -10.98 3.03
C TYR A 306 -6.67 -12.21 3.88
N SER A 307 -5.60 -12.92 3.59
CA SER A 307 -5.25 -14.13 4.32
C SER A 307 -4.22 -13.88 5.43
N THR A 308 -4.11 -14.83 6.36
CA THR A 308 -3.16 -14.72 7.45
C THR A 308 -2.31 -15.99 7.53
N SER A 309 -1.13 -15.84 8.13
CA SER A 309 -0.18 -16.92 8.32
C SER A 309 -0.35 -17.58 9.67
N GLN A 310 0.40 -18.67 9.89
CA GLN A 310 0.24 -19.44 11.12
C GLN A 310 0.60 -18.63 12.35
N ASP A 311 1.50 -17.65 12.19
CA ASP A 311 1.85 -16.78 13.31
C ASP A 311 0.79 -15.71 13.54
N GLY A 312 -0.31 -15.75 12.82
CA GLY A 312 -1.36 -14.78 13.03
C GLY A 312 -1.13 -13.43 12.39
N TYR A 313 -0.05 -13.26 11.61
CA TYR A 313 0.16 -12.05 10.82
C TYR A 313 -0.43 -12.20 9.41
N TYR A 314 -0.42 -11.12 8.66
CA TYR A 314 -0.83 -11.18 7.26
C TYR A 314 0.01 -12.20 6.50
N ALA A 315 -0.63 -12.93 5.59
CA ALA A 315 0.12 -13.86 4.75
C ALA A 315 1.17 -13.12 3.94
N CYS A 316 2.34 -13.73 3.82
CA CYS A 316 3.51 -13.11 3.25
C CYS A 316 3.70 -13.59 1.81
N GLU A 317 3.48 -12.69 0.85
CA GLU A 317 3.79 -12.99 -0.54
C GLU A 317 5.30 -13.06 -0.77
N ASP A 318 6.05 -12.20 -0.11
CA ASP A 318 7.50 -12.21 -0.18
C ASP A 318 8.01 -11.32 0.95
N LYS A 319 9.28 -11.46 1.31
CA LYS A 319 9.86 -10.63 2.35
C LYS A 319 11.35 -10.46 2.07
N ILE A 320 11.92 -9.43 2.69
CA ILE A 320 13.35 -9.21 2.77
C ILE A 320 13.72 -9.11 4.23
N ASP A 321 14.78 -9.82 4.60
CA ASP A 321 15.22 -9.98 5.97
C ASP A 321 16.63 -9.39 6.11
N PHE A 322 16.91 -8.89 7.31
CA PHE A 322 18.16 -8.18 7.59
C PHE A 322 18.86 -8.73 8.81
#